data_8APW
#
_entry.id   8APW
#
_cell.length_a   94.367
_cell.length_b   94.367
_cell.length_c   178.289
_cell.angle_alpha   90.000
_cell.angle_beta   90.000
_cell.angle_gamma   120.000
#
_symmetry.space_group_name_H-M   'H 3 2'
#
loop_
_entity.id
_entity.type
_entity.pdbx_description
1 polymer 'tRNA (guanine-N(1)-)-methyltransferase'
2 non-polymer 'CITRIC ACID'
3 non-polymer 1-[2-oxidanylidene-2-(piperidin-4-ylamino)ethyl]pyrrolo[2,3-b]pyridine-5-carboxamide
4 water water
#
_entity_poly.entity_id   1
_entity_poly.type   'polypeptide(L)'
_entity_poly.pdbx_seq_one_letter_code
;MGSSHHHHHHSSGLVPRGSHMWIGVISLFPEMFKAITEFGVTGRAVKHNLLKVECWNPRDFTFDKHKTVDDRPYGGGPGM
LMMVQPLRDAIHTAKAAAGEGAKVIYLSPQGRKLDQGGVTELAQNQKLILVCGRYEGIDERLIQTEIDEEWSIGDYVLTG
GELPAMTLIDAVARFIPGVLGKQASAEEDSFADGLLDCPHYTRPEVLEGLTVPPVLMSGHHEEIRKWRLKQSLQRTWLRR
PELLEGLALTDEQRKLLKEAQAEHNS
;
_entity_poly.pdbx_strand_id   A
#
# COMPACT_ATOMS: atom_id res chain seq x y z
N SER A 11 -20.97 15.28 -4.61
CA SER A 11 -19.71 15.83 -3.97
C SER A 11 -19.26 17.06 -4.78
N SER A 12 -18.50 17.95 -4.14
CA SER A 12 -18.22 19.32 -4.65
C SER A 12 -16.86 19.74 -4.10
N GLY A 13 -16.20 20.73 -4.77
CA GLY A 13 -14.85 21.20 -4.38
C GLY A 13 -14.06 21.69 -5.57
N LEU A 14 -12.99 22.44 -5.27
CA LEU A 14 -12.12 23.21 -6.23
C LEU A 14 -10.87 22.43 -6.61
N VAL A 15 -10.54 21.44 -5.76
CA VAL A 15 -9.34 20.61 -6.00
C VAL A 15 -9.62 19.73 -7.22
N PRO A 16 -8.75 19.77 -8.27
CA PRO A 16 -8.86 18.81 -9.38
C PRO A 16 -8.88 17.35 -8.88
N ARG A 17 -9.85 16.52 -9.35
CA ARG A 17 -10.07 15.13 -8.81
C ARG A 17 -10.34 14.16 -10.00
N GLY A 18 -9.72 14.40 -11.16
CA GLY A 18 -9.99 13.68 -12.40
C GLY A 18 -9.75 12.19 -12.14
N SER A 19 -8.68 11.91 -11.41
CA SER A 19 -8.25 10.50 -11.17
C SER A 19 -8.69 10.08 -9.76
N HIS A 20 -9.75 10.71 -9.23
CA HIS A 20 -10.22 10.39 -7.88
C HIS A 20 -10.41 8.87 -7.81
N MET A 21 -10.20 8.28 -6.64
CA MET A 21 -10.24 6.84 -6.42
C MET A 21 -11.35 6.58 -5.45
N TRP A 22 -12.10 5.56 -5.66
CA TRP A 22 -13.12 5.11 -4.71
C TRP A 22 -12.67 3.74 -4.21
N ILE A 23 -12.65 3.62 -2.86
CA ILE A 23 -12.25 2.34 -2.23
C ILE A 23 -13.32 1.93 -1.28
N GLY A 24 -14.01 0.84 -1.60
CA GLY A 24 -14.95 0.16 -0.72
C GLY A 24 -14.16 -0.79 0.22
N VAL A 25 -14.58 -0.89 1.45
CA VAL A 25 -13.85 -1.73 2.41
C VAL A 25 -14.91 -2.57 3.09
N ILE A 26 -14.64 -3.86 3.26
CA ILE A 26 -15.51 -4.77 4.03
C ILE A 26 -14.71 -5.16 5.30
N SER A 27 -15.18 -4.79 6.47
CA SER A 27 -14.42 -4.91 7.74
C SER A 27 -15.28 -5.01 8.91
N LEU A 28 -14.96 -5.94 9.83
CA LEU A 28 -15.57 -5.97 11.14
C LEU A 28 -15.13 -4.85 12.04
N PHE A 29 -14.11 -4.08 11.70
CA PHE A 29 -13.58 -2.98 12.49
C PHE A 29 -13.38 -1.74 11.64
N PRO A 30 -14.46 -1.20 11.04
CA PRO A 30 -14.29 -0.03 10.21
C PRO A 30 -13.61 1.19 10.87
N GLU A 31 -13.78 1.35 12.17
CA GLU A 31 -13.16 2.45 12.94
C GLU A 31 -11.65 2.44 12.73
N MET A 32 -11.01 1.28 12.43
CA MET A 32 -9.57 1.32 12.24
C MET A 32 -9.20 2.28 11.11
N PHE A 33 -10.08 2.39 10.11
CA PHE A 33 -9.78 3.14 8.91
C PHE A 33 -9.74 4.64 9.18
N LYS A 34 -10.21 5.14 10.32
CA LYS A 34 -9.95 6.52 10.76
C LYS A 34 -8.47 6.86 10.73
N ALA A 35 -7.58 5.87 10.87
CA ALA A 35 -6.14 6.08 10.96
C ALA A 35 -5.64 6.60 9.59
N ILE A 36 -6.33 6.22 8.49
CA ILE A 36 -5.90 6.85 7.21
C ILE A 36 -6.88 7.95 6.75
N THR A 37 -8.14 7.91 7.14
CA THR A 37 -9.12 8.92 6.60
C THR A 37 -9.05 10.22 7.36
N GLU A 38 -8.58 10.28 8.60
CA GLU A 38 -8.65 11.48 9.40
C GLU A 38 -7.30 12.17 9.57
N PHE A 39 -6.19 11.66 9.13
CA PHE A 39 -4.81 12.08 9.41
C PHE A 39 -3.89 12.18 8.17
N GLY A 40 -3.05 13.21 8.17
CA GLY A 40 -1.92 13.35 7.26
C GLY A 40 -2.37 13.51 5.79
N VAL A 41 -1.56 13.01 4.93
CA VAL A 41 -1.69 13.06 3.41
C VAL A 41 -2.96 12.33 2.99
N THR A 42 -3.26 11.13 3.54
CA THR A 42 -4.46 10.39 3.19
C THR A 42 -5.65 11.18 3.70
N GLY A 43 -5.60 11.70 4.93
CA GLY A 43 -6.70 12.47 5.50
C GLY A 43 -7.00 13.67 4.60
N ARG A 44 -5.93 14.34 4.17
CA ARG A 44 -6.19 15.54 3.25
C ARG A 44 -6.78 15.06 1.91
N ALA A 45 -6.34 13.94 1.35
CA ALA A 45 -6.94 13.32 0.13
C ALA A 45 -8.40 13.10 0.27
N VAL A 46 -8.87 12.51 1.44
CA VAL A 46 -10.28 12.31 1.70
C VAL A 46 -10.96 13.70 1.84
N LYS A 47 -10.45 14.63 2.61
CA LYS A 47 -11.15 15.97 2.81
C LYS A 47 -11.32 16.63 1.41
N HIS A 48 -10.37 16.49 0.54
CA HIS A 48 -10.37 17.19 -0.81
C HIS A 48 -11.07 16.40 -1.88
N ASN A 49 -11.67 15.22 -1.62
CA ASN A 49 -12.42 14.42 -2.58
C ASN A 49 -11.54 13.81 -3.64
N LEU A 50 -10.25 13.57 -3.35
CA LEU A 50 -9.34 12.83 -4.28
C LEU A 50 -9.49 11.31 -4.04
N LEU A 51 -9.81 10.98 -2.77
CA LEU A 51 -9.97 9.59 -2.29
C LEU A 51 -11.26 9.51 -1.50
N LYS A 52 -12.02 8.50 -1.74
CA LYS A 52 -13.18 8.18 -0.93
C LYS A 52 -13.01 6.78 -0.43
N VAL A 53 -13.22 6.59 0.89
CA VAL A 53 -13.11 5.25 1.50
C VAL A 53 -14.46 5.00 2.13
N GLU A 54 -15.18 3.96 1.76
CA GLU A 54 -16.56 3.75 2.28
C GLU A 54 -16.58 2.29 2.82
N CYS A 55 -17.02 2.11 4.03
CA CYS A 55 -16.85 0.85 4.79
C CYS A 55 -18.22 0.23 4.95
N TRP A 56 -18.28 -1.07 4.83
CA TRP A 56 -19.38 -1.94 5.24
C TRP A 56 -18.93 -2.97 6.25
N ASN A 57 -19.71 -3.16 7.29
CA ASN A 57 -19.36 -4.05 8.42
C ASN A 57 -20.29 -5.30 8.32
N PRO A 58 -19.76 -6.52 8.04
CA PRO A 58 -20.60 -7.73 8.09
C PRO A 58 -21.54 -7.79 9.28
N ARG A 59 -21.17 -7.24 10.43
CA ARG A 59 -22.05 -7.32 11.64
C ARG A 59 -23.44 -6.71 11.33
N ASP A 60 -23.48 -5.69 10.48
CA ASP A 60 -24.72 -4.97 10.07
C ASP A 60 -25.56 -5.82 9.14
N PHE A 61 -25.04 -6.95 8.64
CA PHE A 61 -25.76 -7.84 7.65
C PHE A 61 -26.20 -9.08 8.39
N THR A 62 -26.03 -9.16 9.72
CA THR A 62 -26.48 -10.32 10.50
C THR A 62 -27.98 -10.17 10.83
N PHE A 63 -28.60 -11.25 11.18
CA PHE A 63 -30.03 -11.30 11.58
C PHE A 63 -30.26 -11.96 12.93
N ASP A 64 -29.27 -12.66 13.50
CA ASP A 64 -29.46 -13.31 14.79
C ASP A 64 -29.39 -12.25 15.89
N LYS A 65 -29.88 -12.57 17.10
CA LYS A 65 -29.94 -11.64 18.25
C LYS A 65 -28.50 -11.24 18.64
N HIS A 66 -27.53 -12.12 18.51
CA HIS A 66 -26.14 -11.80 18.93
C HIS A 66 -25.23 -11.41 17.75
N LYS A 67 -25.77 -11.12 16.61
CA LYS A 67 -25.05 -10.52 15.49
C LYS A 67 -23.75 -11.34 15.29
N THR A 68 -23.96 -12.60 14.97
CA THR A 68 -22.85 -13.58 14.90
C THR A 68 -22.12 -13.39 13.54
N VAL A 69 -20.77 -13.29 13.55
CA VAL A 69 -20.00 -13.03 12.30
C VAL A 69 -18.96 -14.08 12.09
N ASP A 70 -18.85 -15.04 12.99
CA ASP A 70 -17.90 -16.18 12.81
C ASP A 70 -18.66 -17.48 12.70
N ASP A 71 -17.95 -18.54 12.28
CA ASP A 71 -18.67 -19.83 12.05
C ASP A 71 -17.54 -20.91 12.14
N ARG A 72 -17.96 -22.14 12.38
CA ARG A 72 -17.06 -23.27 12.68
C ARG A 72 -16.56 -23.81 11.38
N PRO A 73 -15.27 -24.18 11.32
CA PRO A 73 -14.72 -24.77 10.14
C PRO A 73 -15.10 -26.23 9.92
N TYR A 74 -15.44 -26.60 8.71
CA TYR A 74 -15.61 -28.01 8.31
C TYR A 74 -14.22 -28.65 8.50
N GLY A 75 -14.18 -29.77 9.26
CA GLY A 75 -12.95 -30.55 9.47
C GLY A 75 -12.36 -30.35 10.79
N GLY A 76 -12.89 -29.46 11.64
CA GLY A 76 -12.29 -29.07 12.91
C GLY A 76 -11.04 -28.31 12.65
N GLY A 77 -10.19 -28.25 13.66
CA GLY A 77 -9.12 -27.24 13.71
C GLY A 77 -9.55 -26.33 14.84
N PRO A 78 -8.64 -25.61 15.46
CA PRO A 78 -9.00 -24.87 16.66
C PRO A 78 -9.76 -23.54 16.45
N GLY A 79 -9.65 -22.93 15.27
CA GLY A 79 -10.16 -21.55 15.06
C GLY A 79 -11.59 -21.47 14.46
N MET A 80 -12.05 -20.27 14.19
CA MET A 80 -13.34 -20.07 13.45
C MET A 80 -13.04 -19.38 12.14
N LEU A 81 -13.98 -19.32 11.27
CA LEU A 81 -13.87 -18.61 9.99
C LEU A 81 -14.89 -17.47 10.00
N MET A 82 -14.70 -16.51 9.12
CA MET A 82 -15.79 -15.52 8.98
CA MET A 82 -15.75 -15.50 8.80
C MET A 82 -17.05 -16.29 8.46
N MET A 83 -18.17 -15.94 9.06
CA MET A 83 -19.45 -16.52 8.65
C MET A 83 -19.71 -16.08 7.19
N VAL A 84 -20.22 -17.00 6.35
CA VAL A 84 -20.41 -16.70 4.92
C VAL A 84 -21.53 -15.65 4.68
N GLN A 85 -22.72 -15.88 5.29
CA GLN A 85 -23.90 -15.02 4.86
C GLN A 85 -23.65 -13.52 5.13
N PRO A 86 -23.28 -13.07 6.31
CA PRO A 86 -23.03 -11.67 6.56
C PRO A 86 -21.94 -11.11 5.67
N LEU A 87 -20.86 -11.89 5.45
CA LEU A 87 -19.75 -11.42 4.67
C LEU A 87 -20.15 -11.30 3.19
N ARG A 88 -20.74 -12.34 2.67
CA ARG A 88 -21.30 -12.32 1.25
C ARG A 88 -22.26 -11.13 1.05
N ASP A 89 -23.19 -10.94 1.98
CA ASP A 89 -24.19 -9.83 1.87
C ASP A 89 -23.47 -8.48 1.83
N ALA A 90 -22.53 -8.27 2.74
CA ALA A 90 -21.71 -7.04 2.75
C ALA A 90 -21.00 -6.85 1.42
N ILE A 91 -20.29 -7.87 0.93
CA ILE A 91 -19.61 -7.78 -0.39
C ILE A 91 -20.65 -7.33 -1.46
N HIS A 92 -21.80 -8.02 -1.53
CA HIS A 92 -22.84 -7.73 -2.58
C HIS A 92 -23.29 -6.29 -2.50
N THR A 93 -23.43 -5.71 -1.28
CA THR A 93 -23.87 -4.32 -1.05
C THR A 93 -22.82 -3.37 -1.58
N ALA A 94 -21.55 -3.67 -1.27
CA ALA A 94 -20.40 -2.85 -1.71
C ALA A 94 -20.31 -2.88 -3.27
N LYS A 95 -20.54 -4.01 -3.90
CA LYS A 95 -20.45 -4.18 -5.39
C LYS A 95 -21.62 -3.40 -6.08
N ALA A 96 -22.77 -3.31 -5.41
CA ALA A 96 -23.94 -2.58 -5.92
C ALA A 96 -23.71 -1.08 -5.74
N ALA A 97 -23.05 -0.63 -4.68
CA ALA A 97 -22.66 0.77 -4.46
C ALA A 97 -21.60 1.20 -5.48
N ALA A 98 -20.71 0.32 -5.88
CA ALA A 98 -19.51 0.66 -6.66
C ALA A 98 -19.93 0.81 -8.11
N GLY A 99 -20.98 0.11 -8.49
CA GLY A 99 -21.33 0.03 -9.89
C GLY A 99 -20.24 -0.71 -10.64
N GLU A 100 -20.14 -0.48 -11.94
CA GLU A 100 -19.47 -1.47 -12.84
C GLU A 100 -18.00 -1.13 -12.72
N GLY A 101 -17.11 -2.13 -12.86
CA GLY A 101 -15.66 -1.82 -13.03
C GLY A 101 -14.89 -1.88 -11.68
N ALA A 102 -15.53 -2.26 -10.57
CA ALA A 102 -14.80 -2.35 -9.27
C ALA A 102 -14.09 -3.71 -9.23
N LYS A 103 -12.78 -3.74 -9.04
CA LYS A 103 -12.02 -4.98 -8.77
C LYS A 103 -12.15 -5.29 -7.27
N VAL A 104 -12.46 -6.51 -6.92
CA VAL A 104 -12.59 -6.94 -5.53
C VAL A 104 -11.25 -7.67 -5.17
N ILE A 105 -10.64 -7.21 -4.05
CA ILE A 105 -9.32 -7.67 -3.58
C ILE A 105 -9.48 -8.30 -2.21
N TYR A 106 -8.85 -9.44 -2.02
CA TYR A 106 -8.78 -10.09 -0.71
C TYR A 106 -7.35 -10.05 -0.26
N LEU A 107 -7.11 -9.41 0.89
CA LEU A 107 -5.69 -9.36 1.42
C LEU A 107 -5.48 -10.63 2.23
N SER A 108 -4.37 -11.29 1.96
CA SER A 108 -3.99 -12.46 2.73
C SER A 108 -2.56 -12.81 2.48
N PRO A 109 -1.95 -13.63 3.36
CA PRO A 109 -0.60 -14.15 3.06
C PRO A 109 -0.48 -15.12 1.89
N GLN A 110 -1.60 -15.61 1.37
CA GLN A 110 -1.65 -16.49 0.18
C GLN A 110 -1.73 -15.69 -1.09
N GLY A 111 -1.70 -14.33 -1.00
CA GLY A 111 -1.87 -13.52 -2.20
C GLY A 111 -0.54 -13.18 -2.88
N ARG A 112 -0.67 -12.56 -4.01
CA ARG A 112 0.46 -12.01 -4.75
C ARG A 112 1.20 -10.95 -3.91
N LYS A 113 2.50 -11.02 -3.89
CA LYS A 113 3.25 -10.14 -2.99
C LYS A 113 3.30 -8.71 -3.53
N LEU A 114 2.82 -7.74 -2.75
CA LEU A 114 2.77 -6.32 -3.12
C LEU A 114 4.18 -5.76 -3.19
N ASP A 115 4.40 -4.96 -4.25
CA ASP A 115 5.62 -4.21 -4.43
C ASP A 115 5.21 -2.96 -5.24
N GLN A 116 6.10 -2.02 -5.39
CA GLN A 116 5.74 -0.72 -5.90
C GLN A 116 5.14 -0.85 -7.34
N GLY A 117 5.62 -1.75 -8.12
CA GLY A 117 5.05 -1.96 -9.46
C GLY A 117 3.61 -2.45 -9.36
N GLY A 118 3.36 -3.37 -8.41
CA GLY A 118 2.00 -3.84 -8.20
C GLY A 118 1.11 -2.76 -7.60
N VAL A 119 1.64 -1.84 -6.71
CA VAL A 119 0.87 -0.67 -6.29
C VAL A 119 0.40 0.14 -7.55
N THR A 120 1.32 0.40 -8.42
CA THR A 120 0.96 1.26 -9.61
C THR A 120 -0.03 0.50 -10.53
N GLU A 121 0.05 -0.83 -10.59
CA GLU A 121 -0.96 -1.64 -11.33
C GLU A 121 -2.31 -1.45 -10.66
N LEU A 122 -2.39 -1.61 -9.30
CA LEU A 122 -3.65 -1.47 -8.60
C LEU A 122 -4.17 -0.03 -8.68
N ALA A 123 -3.30 0.95 -8.75
CA ALA A 123 -3.66 2.37 -8.72
C ALA A 123 -4.38 2.73 -10.07
N GLN A 124 -4.33 1.86 -11.08
CA GLN A 124 -5.00 2.12 -12.42
C GLN A 124 -6.51 1.92 -12.30
N ASN A 125 -6.98 1.28 -11.26
CA ASN A 125 -8.41 1.03 -11.01
C ASN A 125 -9.02 2.30 -10.40
N GLN A 126 -10.07 2.81 -10.95
CA GLN A 126 -10.74 3.98 -10.30
C GLN A 126 -11.51 3.47 -9.08
N LYS A 127 -11.94 2.21 -9.10
CA LYS A 127 -12.72 1.59 -8.00
C LYS A 127 -12.00 0.33 -7.54
N LEU A 128 -11.94 0.12 -6.25
CA LEU A 128 -11.49 -1.14 -5.64
C LEU A 128 -12.44 -1.47 -4.49
N ILE A 129 -12.59 -2.73 -4.21
CA ILE A 129 -13.24 -3.20 -2.94
C ILE A 129 -12.23 -4.08 -2.26
N LEU A 130 -11.92 -3.74 -0.98
CA LEU A 130 -10.98 -4.49 -0.19
C LEU A 130 -11.68 -5.30 0.87
N VAL A 131 -11.52 -6.62 0.84
CA VAL A 131 -12.19 -7.47 1.82
C VAL A 131 -11.18 -7.79 2.92
N CYS A 132 -11.55 -7.51 4.19
CA CYS A 132 -10.60 -7.71 5.33
C CYS A 132 -11.02 -8.97 6.06
N GLY A 133 -10.19 -10.00 6.00
CA GLY A 133 -10.48 -11.21 6.78
C GLY A 133 -10.04 -11.14 8.22
N ARG A 134 -10.83 -11.77 9.10
CA ARG A 134 -10.49 -11.95 10.47
C ARG A 134 -10.59 -13.46 10.80
N TYR A 135 -10.21 -13.83 12.00
CA TYR A 135 -10.27 -15.25 12.51
C TYR A 135 -9.39 -16.04 11.54
N GLU A 136 -9.70 -17.28 11.20
CA GLU A 136 -8.80 -18.13 10.35
C GLU A 136 -8.94 -17.86 8.86
N GLY A 137 -9.76 -16.92 8.47
CA GLY A 137 -9.92 -16.41 7.09
C GLY A 137 -11.37 -16.63 6.58
N ILE A 138 -11.49 -16.77 5.33
CA ILE A 138 -12.86 -16.78 4.68
C ILE A 138 -12.98 -18.08 3.95
N ASP A 139 -14.21 -18.48 3.73
CA ASP A 139 -14.52 -19.68 2.93
C ASP A 139 -13.92 -19.56 1.55
N GLU A 140 -13.27 -20.61 1.12
CA GLU A 140 -12.60 -20.68 -0.22
C GLU A 140 -13.55 -20.40 -1.40
N ARG A 141 -14.81 -20.82 -1.28
CA ARG A 141 -15.79 -20.65 -2.34
C ARG A 141 -16.13 -19.18 -2.47
N LEU A 142 -16.05 -18.40 -1.40
CA LEU A 142 -16.21 -16.91 -1.62
C LEU A 142 -15.04 -16.34 -2.37
N ILE A 143 -13.80 -16.85 -2.12
CA ILE A 143 -12.63 -16.41 -2.93
C ILE A 143 -12.91 -16.71 -4.38
N GLN A 144 -13.38 -17.92 -4.64
CA GLN A 144 -13.69 -18.33 -6.04
C GLN A 144 -14.79 -17.48 -6.65
N THR A 145 -15.87 -17.19 -5.91
CA THR A 145 -17.07 -16.50 -6.50
C THR A 145 -17.03 -14.99 -6.39
N GLU A 146 -16.35 -14.39 -5.38
CA GLU A 146 -16.53 -12.92 -5.14
C GLU A 146 -15.19 -12.17 -5.29
N ILE A 147 -14.06 -12.86 -5.27
CA ILE A 147 -12.73 -12.14 -5.21
C ILE A 147 -12.08 -12.15 -6.60
N ASP A 148 -11.68 -10.99 -7.10
CA ASP A 148 -10.94 -10.90 -8.37
C ASP A 148 -9.46 -11.21 -8.18
N GLU A 149 -8.82 -10.67 -7.12
CA GLU A 149 -7.37 -10.87 -6.94
C GLU A 149 -7.08 -10.94 -5.43
N GLU A 150 -6.10 -11.76 -5.09
CA GLU A 150 -5.64 -11.91 -3.71
C GLU A 150 -4.25 -11.29 -3.64
N TRP A 151 -3.99 -10.49 -2.69
CA TRP A 151 -2.67 -9.82 -2.54
C TRP A 151 -2.20 -9.91 -1.08
N SER A 152 -0.88 -10.00 -0.90
CA SER A 152 -0.19 -9.96 0.40
C SER A 152 0.59 -8.65 0.46
N ILE A 153 0.73 -8.09 1.70
CA ILE A 153 1.69 -6.96 1.93
C ILE A 153 3.04 -7.48 2.31
N GLY A 154 3.17 -8.76 2.52
CA GLY A 154 4.45 -9.26 3.04
C GLY A 154 4.34 -10.64 3.68
N ASP A 155 5.48 -11.32 3.78
CA ASP A 155 5.42 -12.71 4.31
C ASP A 155 5.41 -12.75 5.80
N TYR A 156 4.33 -12.34 6.41
CA TYR A 156 4.09 -12.32 7.85
C TYR A 156 2.59 -12.40 8.10
N VAL A 157 2.20 -12.78 9.30
CA VAL A 157 0.81 -13.04 9.66
C VAL A 157 0.42 -12.00 10.65
N LEU A 158 -0.71 -11.41 10.39
CA LEU A 158 -1.31 -10.37 11.23
C LEU A 158 -2.61 -10.89 11.84
N THR A 159 -3.23 -10.04 12.68
CA THR A 159 -4.47 -10.44 13.32
C THR A 159 -5.66 -10.26 12.34
N GLY A 160 -5.51 -9.55 11.26
CA GLY A 160 -6.62 -9.43 10.32
C GLY A 160 -6.19 -8.65 9.12
N GLY A 161 -7.08 -8.50 8.15
CA GLY A 161 -6.68 -7.81 6.89
C GLY A 161 -6.82 -6.30 6.89
N GLU A 162 -7.17 -5.67 8.01
CA GLU A 162 -7.36 -4.23 8.05
C GLU A 162 -6.04 -3.50 7.80
N LEU A 163 -4.95 -3.89 8.54
CA LEU A 163 -3.69 -3.19 8.38
C LEU A 163 -3.17 -3.37 6.93
N PRO A 164 -3.22 -4.58 6.37
CA PRO A 164 -2.94 -4.69 4.94
C PRO A 164 -3.77 -3.80 4.05
N ALA A 165 -5.07 -3.77 4.25
CA ALA A 165 -5.93 -2.93 3.41
C ALA A 165 -5.51 -1.48 3.54
N MET A 166 -5.27 -0.95 4.79
CA MET A 166 -4.87 0.44 5.01
C MET A 166 -3.55 0.73 4.33
N THR A 167 -2.61 -0.22 4.46
CA THR A 167 -1.34 -0.15 3.76
C THR A 167 -1.50 -0.02 2.27
N LEU A 168 -2.35 -0.85 1.70
CA LEU A 168 -2.56 -0.77 0.20
C LEU A 168 -3.26 0.55 -0.17
N ILE A 169 -4.24 1.05 0.61
CA ILE A 169 -4.93 2.34 0.39
C ILE A 169 -3.88 3.45 0.34
N ASP A 170 -3.08 3.52 1.38
CA ASP A 170 -2.02 4.56 1.51
C ASP A 170 -1.07 4.49 0.29
N ALA A 171 -0.60 3.34 -0.06
CA ALA A 171 0.34 3.14 -1.17
C ALA A 171 -0.26 3.59 -2.51
N VAL A 172 -1.51 3.23 -2.76
CA VAL A 172 -2.17 3.62 -4.04
C VAL A 172 -2.53 5.10 -4.05
N ALA A 173 -2.93 5.64 -2.94
CA ALA A 173 -3.27 7.05 -2.77
C ALA A 173 -2.15 8.01 -3.24
N ARG A 174 -0.91 7.64 -3.04
CA ARG A 174 0.22 8.42 -3.39
C ARG A 174 0.23 8.57 -4.94
N PHE A 175 -0.35 7.63 -5.68
CA PHE A 175 -0.33 7.70 -7.18
C PHE A 175 -1.47 8.58 -7.70
N ILE A 176 -2.41 9.02 -6.86
CA ILE A 176 -3.55 9.85 -7.26
C ILE A 176 -2.98 11.20 -7.47
N PRO A 177 -3.12 11.83 -8.66
CA PRO A 177 -2.57 13.16 -8.85
C PRO A 177 -3.21 14.18 -7.94
N GLY A 178 -2.40 15.03 -7.32
CA GLY A 178 -2.78 16.03 -6.33
C GLY A 178 -2.61 15.58 -4.87
N VAL A 179 -2.51 14.27 -4.65
CA VAL A 179 -2.40 13.82 -3.22
C VAL A 179 -1.09 14.32 -2.60
N LEU A 180 -0.02 14.20 -3.31
CA LEU A 180 1.29 14.69 -2.81
C LEU A 180 1.46 16.21 -3.07
N GLY A 181 2.36 16.92 -2.38
CA GLY A 181 2.45 18.41 -2.40
C GLY A 181 3.63 18.95 -3.25
N GLU A 187 4.29 9.06 -6.26
CA GLU A 187 4.86 9.95 -7.31
C GLU A 187 6.01 9.26 -8.01
N GLU A 188 6.55 9.95 -9.01
CA GLU A 188 7.78 9.57 -9.75
C GLU A 188 8.92 10.07 -8.83
N ASP A 189 9.24 9.14 -7.92
CA ASP A 189 9.95 9.20 -6.62
C ASP A 189 11.42 8.89 -6.88
N SER A 190 12.15 8.40 -5.89
CA SER A 190 13.50 7.79 -6.01
C SER A 190 13.40 6.25 -6.10
N PHE A 191 12.60 5.69 -5.21
CA PHE A 191 12.27 4.26 -5.20
C PHE A 191 11.66 3.87 -6.52
N ALA A 192 11.08 4.85 -7.23
CA ALA A 192 10.56 4.70 -8.61
C ALA A 192 11.68 4.32 -9.60
N ASP A 193 12.97 4.58 -9.27
CA ASP A 193 14.19 4.15 -10.03
C ASP A 193 14.47 2.66 -9.73
N GLY A 194 13.76 2.09 -8.77
CA GLY A 194 14.02 0.74 -8.25
C GLY A 194 15.24 0.69 -7.29
N LEU A 195 15.73 1.83 -6.91
CA LEU A 195 16.87 1.93 -5.99
C LEU A 195 16.38 2.40 -4.61
N LEU A 196 17.17 1.98 -3.60
CA LEU A 196 17.04 2.52 -2.25
C LEU A 196 17.33 4.02 -2.31
N ASP A 197 16.76 4.77 -1.41
CA ASP A 197 17.03 6.23 -1.31
C ASP A 197 18.43 6.53 -0.83
N CYS A 198 18.94 7.73 -1.13
CA CYS A 198 20.17 8.27 -0.62
C CYS A 198 19.92 8.81 0.80
N PRO A 199 20.99 8.98 1.57
CA PRO A 199 21.00 9.70 2.88
C PRO A 199 20.52 11.12 2.69
N HIS A 200 19.83 11.64 3.74
CA HIS A 200 19.24 12.98 3.74
C HIS A 200 19.77 13.67 5.01
N TYR A 201 19.97 14.96 4.91
CA TYR A 201 20.57 15.76 5.99
C TYR A 201 19.85 17.07 6.09
N THR A 202 19.64 17.47 7.35
CA THR A 202 19.06 18.82 7.62
C THR A 202 19.89 19.42 8.78
N ARG A 203 19.40 20.56 9.28
CA ARG A 203 20.05 21.29 10.36
C ARG A 203 20.13 20.39 11.55
N PRO A 204 21.19 20.45 12.37
CA PRO A 204 22.33 21.38 12.20
C PRO A 204 23.45 20.87 11.30
N GLU A 205 24.36 21.78 10.94
CA GLU A 205 25.54 21.37 10.11
C GLU A 205 26.42 20.34 10.81
N VAL A 206 26.50 20.38 12.11
CA VAL A 206 27.25 19.33 12.84
C VAL A 206 26.34 18.74 13.93
N LEU A 207 26.29 17.40 14.03
CA LEU A 207 25.39 16.70 15.00
C LEU A 207 26.17 15.57 15.64
N GLU A 208 26.30 15.56 16.94
CA GLU A 208 27.15 14.56 17.66
C GLU A 208 28.49 14.36 16.91
N GLY A 209 29.09 15.48 16.45
CA GLY A 209 30.36 15.52 15.70
C GLY A 209 30.30 14.92 14.31
N LEU A 210 29.13 14.59 13.79
CA LEU A 210 28.95 14.12 12.38
C LEU A 210 28.56 15.29 11.54
N THR A 211 29.29 15.48 10.46
CA THR A 211 29.13 16.63 9.57
C THR A 211 28.27 16.23 8.39
N VAL A 212 27.62 17.18 7.80
CA VAL A 212 26.97 17.10 6.49
C VAL A 212 28.02 17.01 5.37
N PRO A 213 27.91 16.00 4.46
CA PRO A 213 28.80 15.94 3.27
C PRO A 213 28.90 17.30 2.61
N PRO A 214 30.15 17.85 2.51
CA PRO A 214 30.40 19.13 1.84
C PRO A 214 29.73 19.32 0.50
N VAL A 215 29.67 18.24 -0.32
CA VAL A 215 28.99 18.39 -1.63
C VAL A 215 27.61 18.97 -1.43
N LEU A 216 26.83 18.55 -0.37
CA LEU A 216 25.42 19.01 -0.26
C LEU A 216 25.29 20.51 0.11
N MET A 217 26.37 21.12 0.53
CA MET A 217 26.48 22.59 0.86
C MET A 217 27.07 23.37 -0.30
N SER A 218 27.44 22.70 -1.41
CA SER A 218 28.31 23.23 -2.49
C SER A 218 27.50 24.11 -3.38
N GLY A 219 26.18 24.02 -3.35
CA GLY A 219 25.26 24.65 -4.29
C GLY A 219 25.40 24.09 -5.73
N HIS A 220 26.22 23.06 -5.95
CA HIS A 220 26.52 22.49 -7.29
C HIS A 220 25.48 21.42 -7.62
N HIS A 221 24.44 21.80 -8.32
CA HIS A 221 23.21 21.00 -8.53
C HIS A 221 23.53 19.66 -9.23
N GLU A 222 24.49 19.61 -10.17
CA GLU A 222 24.76 18.38 -10.90
C GLU A 222 25.60 17.48 -10.00
N GLU A 223 26.59 18.02 -9.28
CA GLU A 223 27.47 17.15 -8.48
C GLU A 223 26.56 16.56 -7.37
N ILE A 224 25.58 17.33 -6.92
CA ILE A 224 24.63 16.87 -5.81
C ILE A 224 23.72 15.76 -6.34
N ARG A 225 23.21 15.89 -7.58
CA ARG A 225 22.42 14.86 -8.25
C ARG A 225 23.25 13.57 -8.38
N LYS A 226 24.49 13.67 -8.83
CA LYS A 226 25.39 12.54 -9.02
C LYS A 226 25.69 11.88 -7.66
N TRP A 227 26.00 12.67 -6.68
CA TRP A 227 26.33 12.09 -5.36
C TRP A 227 25.10 11.33 -4.86
N ARG A 228 23.92 11.89 -4.92
CA ARG A 228 22.67 11.20 -4.48
C ARG A 228 22.48 9.87 -5.21
N LEU A 229 22.68 9.84 -6.50
CA LEU A 229 22.42 8.69 -7.33
C LEU A 229 23.50 7.67 -6.98
N LYS A 230 24.73 8.10 -6.83
CA LYS A 230 25.82 7.19 -6.43
C LYS A 230 25.53 6.56 -5.05
N GLN A 231 25.04 7.37 -4.10
CA GLN A 231 24.70 6.76 -2.75
C GLN A 231 23.54 5.76 -2.88
N SER A 232 22.52 6.04 -3.69
CA SER A 232 21.38 5.15 -3.94
C SER A 232 21.89 3.83 -4.52
N LEU A 233 22.81 3.88 -5.50
CA LEU A 233 23.42 2.69 -6.09
C LEU A 233 24.25 1.93 -5.04
N GLN A 234 25.09 2.62 -4.29
CA GLN A 234 25.93 1.94 -3.24
C GLN A 234 25.06 1.23 -2.19
N ARG A 235 24.07 1.94 -1.69
CA ARG A 235 23.15 1.38 -0.64
C ARG A 235 22.34 0.22 -1.19
N THR A 236 21.88 0.29 -2.45
CA THR A 236 21.12 -0.82 -3.02
C THR A 236 22.05 -2.03 -3.14
N TRP A 237 23.28 -1.80 -3.66
CA TRP A 237 24.29 -2.88 -3.81
C TRP A 237 24.61 -3.54 -2.45
N LEU A 238 24.87 -2.72 -1.45
CA LEU A 238 25.27 -3.25 -0.09
C LEU A 238 24.10 -3.91 0.64
N ARG A 239 22.88 -3.35 0.54
CA ARG A 239 21.78 -3.84 1.36
C ARG A 239 20.87 -4.80 0.64
N ARG A 240 20.63 -4.57 -0.66
CA ARG A 240 19.54 -5.24 -1.40
C ARG A 240 20.07 -5.53 -2.81
N PRO A 241 21.14 -6.32 -2.94
CA PRO A 241 21.80 -6.48 -4.21
C PRO A 241 20.89 -7.13 -5.25
N GLU A 242 19.92 -7.90 -4.79
CA GLU A 242 18.97 -8.57 -5.74
C GLU A 242 18.11 -7.55 -6.44
N LEU A 243 17.92 -6.35 -5.87
CA LEU A 243 17.13 -5.32 -6.56
C LEU A 243 17.85 -4.78 -7.79
N LEU A 244 19.18 -4.77 -7.78
CA LEU A 244 20.02 -4.38 -8.96
C LEU A 244 19.82 -5.30 -10.14
N GLU A 245 19.61 -6.59 -9.88
CA GLU A 245 19.50 -7.61 -10.95
C GLU A 245 18.24 -7.38 -11.74
N GLY A 246 17.24 -6.71 -11.14
CA GLY A 246 15.96 -6.34 -11.74
C GLY A 246 16.06 -5.18 -12.75
N LEU A 247 17.20 -4.53 -12.82
CA LEU A 247 17.31 -3.20 -13.45
C LEU A 247 18.22 -3.35 -14.64
N ALA A 248 17.97 -2.47 -15.60
CA ALA A 248 18.87 -2.26 -16.75
C ALA A 248 19.51 -0.88 -16.46
N LEU A 249 20.64 -0.89 -15.83
CA LEU A 249 21.25 0.41 -15.39
C LEU A 249 21.57 1.27 -16.57
N THR A 250 21.40 2.58 -16.40
CA THR A 250 21.92 3.57 -17.39
C THR A 250 23.41 3.57 -17.38
N ASP A 251 23.98 4.06 -18.46
CA ASP A 251 25.40 4.25 -18.58
C ASP A 251 25.92 5.08 -17.33
N GLU A 252 25.27 6.19 -17.02
CA GLU A 252 25.66 7.02 -15.80
C GLU A 252 25.58 6.13 -14.54
N GLN A 253 24.49 5.37 -14.41
CA GLN A 253 24.31 4.47 -13.22
C GLN A 253 25.45 3.45 -13.15
N ARG A 254 25.81 2.82 -14.32
CA ARG A 254 26.88 1.80 -14.31
C ARG A 254 28.18 2.39 -13.82
N LYS A 255 28.51 3.61 -14.25
CA LYS A 255 29.76 4.30 -13.94
C LYS A 255 29.78 4.61 -12.39
N LEU A 256 28.72 5.21 -11.93
CA LEU A 256 28.65 5.61 -10.48
C LEU A 256 28.69 4.36 -9.61
N LEU A 257 28.01 3.26 -9.98
CA LEU A 257 28.05 2.00 -9.21
C LEU A 257 29.48 1.47 -9.19
N LYS A 258 30.14 1.43 -10.36
CA LYS A 258 31.55 0.98 -10.41
C LYS A 258 32.40 1.85 -9.51
N GLU A 259 32.23 3.16 -9.57
CA GLU A 259 33.01 4.12 -8.66
C GLU A 259 32.79 3.75 -7.18
N ALA A 260 31.55 3.54 -6.75
CA ALA A 260 31.22 3.22 -5.33
C ALA A 260 31.84 1.90 -4.89
N GLN A 261 31.76 0.89 -5.72
CA GLN A 261 32.33 -0.46 -5.48
C GLN A 261 33.88 -0.35 -5.38
N ALA A 262 34.56 0.42 -6.21
CA ALA A 262 36.03 0.68 -6.06
C ALA A 262 36.34 1.42 -4.74
N GLU A 263 35.60 2.45 -4.33
CA GLU A 263 35.76 3.18 -3.06
C GLU A 263 35.51 2.25 -1.88
N HIS A 264 34.57 1.36 -1.98
CA HIS A 264 34.26 0.41 -0.88
C HIS A 264 35.46 -0.51 -0.65
N ASN A 265 36.05 -1.01 -1.74
CA ASN A 265 37.15 -2.03 -1.77
C ASN A 265 38.55 -1.42 -1.42
#